data_3LMC
#
_entry.id   3LMC
#
_cell.length_a   89.627
_cell.length_b   60.889
_cell.length_c   47.859
_cell.angle_alpha   90.000
_cell.angle_beta   101.190
_cell.angle_gamma   90.000
#
_symmetry.space_group_name_H-M   'C 1 2 1'
#
loop_
_entity.id
_entity.type
_entity.pdbx_description
1 polymer 'Peptidase, zinc-dependent'
2 non-polymer 'FE (III) ION'
3 non-polymer 'ZINC ION'
4 water water
#
_entity_poly.entity_id   1
_entity_poly.type   'polypeptide(L)'
_entity_poly.pdbx_seq_one_letter_code
;(MSE)GIHLFWDSRVPVGLSRPVSEELSAVLE(MSE)PVSRIDDGIFPLEGFDPVRNQYDAVKVLLKLD(MSE)FRRR
(MSE)PQIFKPAD(MSE)DLEFYNKFNHLHEKILLVTPGDLYEPLADFVFGLAYPKLGVAIVSPHRLQNEFYGKYADDSA
LIDRIVKEGAHEIGHLFGLGHCDNPGCI(MSE)YCPRNLDELDRKRKYFCGKCRVQLNGDTLEDDLFSLEHHHHHH
;
_entity_poly.pdbx_strand_id   A
#
# COMPACT_ATOMS: atom_id res chain seq x y z
N GLY A 2 -11.83 -1.45 -9.01
CA GLY A 2 -11.03 -0.25 -9.12
C GLY A 2 -9.92 -0.31 -8.10
N ILE A 3 -8.92 0.56 -8.25
CA ILE A 3 -7.82 0.62 -7.30
C ILE A 3 -7.71 2.03 -6.77
N HIS A 4 -7.77 2.17 -5.45
CA HIS A 4 -7.81 3.47 -4.79
C HIS A 4 -6.59 3.66 -3.89
N LEU A 5 -5.81 4.70 -4.17
CA LEU A 5 -4.66 5.04 -3.33
C LEU A 5 -5.17 6.01 -2.27
N PHE A 6 -5.32 5.52 -1.03
CA PHE A 6 -5.71 6.39 0.05
C PHE A 6 -4.46 6.96 0.70
N TRP A 7 -4.13 8.18 0.31
CA TRP A 7 -2.89 8.85 0.73
C TRP A 7 -3.13 9.72 1.98
N ASP A 8 -2.68 9.24 3.14
CA ASP A 8 -2.81 9.99 4.39
C ASP A 8 -2.05 11.31 4.25
N SER A 9 -2.75 12.43 4.38
CA SER A 9 -2.17 13.72 4.00
C SER A 9 -1.03 14.16 4.92
N ARG A 10 -0.78 13.41 6.00
CA ARG A 10 0.40 13.71 6.82
C ARG A 10 1.68 13.28 6.09
N VAL A 11 1.54 12.46 5.06
CA VAL A 11 2.68 12.13 4.21
C VAL A 11 2.70 13.20 3.12
N PRO A 12 3.85 13.85 2.89
CA PRO A 12 3.90 15.00 1.96
C PRO A 12 3.04 14.82 0.73
N VAL A 13 1.97 15.62 0.61
CA VAL A 13 0.94 15.35 -0.41
C VAL A 13 1.46 15.64 -1.82
N GLY A 14 2.61 16.30 -1.91
CA GLY A 14 3.20 16.62 -3.20
C GLY A 14 3.70 15.34 -3.89
N LEU A 15 3.90 14.28 -3.11
CA LEU A 15 4.35 13.00 -3.65
C LEU A 15 3.17 12.15 -4.09
N SER A 16 1.96 12.59 -3.75
CA SER A 16 0.74 11.82 -4.03
C SER A 16 0.58 11.49 -5.49
N ARG A 17 0.56 12.55 -6.30
CA ARG A 17 0.24 12.39 -7.71
C ARG A 17 1.26 11.48 -8.43
N PRO A 18 2.57 11.77 -8.31
CA PRO A 18 3.56 10.91 -8.96
C PRO A 18 3.42 9.45 -8.53
N VAL A 19 3.26 9.21 -7.23
CA VAL A 19 3.07 7.84 -6.76
C VAL A 19 1.86 7.17 -7.41
N SER A 20 0.73 7.88 -7.41
CA SER A 20 -0.46 7.42 -8.10
C SER A 20 -0.17 7.06 -9.57
N GLU A 21 0.57 7.91 -10.27
CA GLU A 21 0.76 7.74 -11.72
C GLU A 21 1.70 6.59 -12.05
N GLU A 22 2.75 6.42 -11.24
CA GLU A 22 3.70 5.32 -11.41
C GLU A 22 3.12 3.98 -10.94
N LEU A 23 2.27 4.00 -9.92
CA LEU A 23 1.58 2.80 -9.50
C LEU A 23 0.72 2.38 -10.66
N SER A 24 0.01 3.33 -11.26
CA SER A 24 -0.85 3.00 -12.39
C SER A 24 -0.07 2.43 -13.58
N ALA A 25 1.12 2.98 -13.86
CA ALA A 25 1.91 2.51 -14.99
C ALA A 25 2.46 1.12 -14.78
N VAL A 26 3.00 0.86 -13.58
CA VAL A 26 3.64 -0.42 -13.29
C VAL A 26 2.60 -1.56 -13.18
N LEU A 27 1.43 -1.23 -12.65
CA LEU A 27 0.31 -2.19 -12.55
C LEU A 27 -0.44 -2.31 -13.89
N GLU A 28 -0.32 -1.29 -14.74
CA GLU A 28 -1.04 -1.24 -15.99
C GLU A 28 -2.54 -1.25 -15.70
N PRO A 30 -5.79 1.63 -13.98
CA PRO A 30 -6.12 2.97 -13.48
C PRO A 30 -6.13 2.98 -11.96
N VAL A 31 -5.60 4.04 -11.37
CA VAL A 31 -5.49 4.15 -9.93
C VAL A 31 -6.03 5.53 -9.54
N SER A 32 -7.05 5.54 -8.69
CA SER A 32 -7.65 6.78 -8.24
C SER A 32 -7.02 7.25 -6.93
N ARG A 33 -6.79 8.55 -6.82
CA ARG A 33 -6.04 9.14 -5.72
C ARG A 33 -6.96 9.87 -4.73
N ILE A 34 -6.83 9.54 -3.45
CA ILE A 34 -7.47 10.28 -2.38
C ILE A 34 -6.38 10.80 -1.46
N ASP A 35 -6.17 12.12 -1.40
CA ASP A 35 -5.08 12.62 -0.56
C ASP A 35 -5.47 13.85 0.25
N ASP A 36 -6.75 13.95 0.56
CA ASP A 36 -7.25 15.09 1.33
C ASP A 36 -7.86 14.63 2.64
N GLY A 37 -7.08 13.92 3.45
CA GLY A 37 -7.58 13.45 4.73
C GLY A 37 -6.61 12.53 5.42
N ILE A 38 -6.72 12.37 6.73
CA ILE A 38 -5.91 11.40 7.44
C ILE A 38 -6.69 10.12 7.73
N PHE A 39 -5.99 9.01 7.93
CA PHE A 39 -6.64 7.79 8.39
C PHE A 39 -6.11 7.44 9.78
N PRO A 40 -6.81 7.86 10.83
CA PRO A 40 -6.27 7.62 12.17
C PRO A 40 -6.09 6.13 12.36
N LEU A 41 -4.90 5.75 12.82
CA LEU A 41 -4.55 4.34 12.93
C LEU A 41 -5.15 3.67 14.18
N GLU A 42 -5.10 2.35 14.22
CA GLU A 42 -5.62 1.63 15.36
C GLU A 42 -4.58 0.61 15.77
N GLY A 43 -4.74 0.03 16.95
CA GLY A 43 -3.87 -1.05 17.38
C GLY A 43 -2.47 -0.58 17.69
N PHE A 44 -2.36 0.59 18.31
CA PHE A 44 -1.05 1.08 18.70
C PHE A 44 -0.50 0.25 19.85
N ASP A 45 0.81 0.03 19.85
CA ASP A 45 1.46 -0.72 20.89
C ASP A 45 2.52 0.18 21.55
N PRO A 46 2.28 0.59 22.80
CA PRO A 46 3.13 1.59 23.48
C PRO A 46 4.57 1.11 23.75
N VAL A 47 4.74 -0.16 24.13
CA VAL A 47 6.08 -0.69 24.37
C VAL A 47 6.88 -0.80 23.06
N ARG A 48 6.20 -1.21 21.99
CA ARG A 48 6.80 -1.28 20.66
C ARG A 48 6.94 0.11 20.01
N ASN A 49 6.03 1.02 20.35
CA ASN A 49 5.90 2.30 19.66
C ASN A 49 5.56 2.14 18.17
N GLN A 50 4.70 1.17 17.86
CA GLN A 50 4.35 0.83 16.49
C GLN A 50 2.88 0.48 16.42
N TYR A 51 2.34 0.45 15.20
CA TYR A 51 0.93 0.08 15.02
C TYR A 51 0.74 -1.30 14.39
N ASP A 52 -0.20 -2.08 14.94
CA ASP A 52 -0.58 -3.39 14.43
C ASP A 52 -1.27 -3.25 13.07
N ALA A 53 -0.59 -3.58 11.99
CA ALA A 53 -1.16 -3.33 10.66
C ALA A 53 -2.37 -4.19 10.37
N VAL A 54 -2.49 -5.33 11.04
CA VAL A 54 -3.65 -6.20 10.82
C VAL A 54 -4.92 -5.47 11.25
N LYS A 55 -4.87 -4.83 12.42
CA LYS A 55 -6.00 -4.03 12.90
C LYS A 55 -6.33 -2.87 12.00
N VAL A 56 -5.30 -2.18 11.49
CA VAL A 56 -5.54 -1.06 10.57
C VAL A 56 -6.25 -1.57 9.31
N LEU A 57 -5.84 -2.74 8.81
CA LEU A 57 -6.42 -3.25 7.58
C LEU A 57 -7.91 -3.60 7.75
N LEU A 58 -8.25 -4.18 8.90
CA LEU A 58 -9.65 -4.49 9.21
C LEU A 58 -10.47 -3.19 9.30
N LYS A 59 -9.90 -2.20 9.97
CA LYS A 59 -10.51 -0.89 10.07
C LYS A 59 -10.70 -0.25 8.68
N LEU A 60 -9.75 -0.50 7.77
CA LEU A 60 -9.83 0.03 6.41
C LEU A 60 -10.98 -0.60 5.63
N ASP A 61 -11.16 -1.91 5.78
CA ASP A 61 -12.32 -2.56 5.17
C ASP A 61 -13.61 -1.93 5.72
N PHE A 63 -14.12 1.00 6.93
CA PHE A 63 -14.25 2.35 6.40
C PHE A 63 -14.80 2.33 4.97
N ARG A 64 -14.23 1.49 4.12
CA ARG A 64 -14.72 1.38 2.76
C ARG A 64 -16.22 1.04 2.74
N ARG A 65 -16.61 0.01 3.50
CA ARG A 65 -18.01 -0.42 3.45
C ARG A 65 -18.95 0.69 3.92
N ARG A 66 -18.48 1.49 4.87
CA ARG A 66 -19.24 2.58 5.45
C ARG A 66 -19.26 3.80 4.51
N PRO A 68 -19.73 4.43 0.77
CA PRO A 68 -20.09 4.28 -0.64
C PRO A 68 -19.87 5.58 -1.41
N GLN A 69 -20.21 6.70 -0.79
CA GLN A 69 -20.12 7.98 -1.45
C GLN A 69 -18.68 8.26 -1.89
N ILE A 70 -17.71 7.57 -1.29
CA ILE A 70 -16.31 7.67 -1.74
C ILE A 70 -15.90 6.59 -2.76
N PHE A 71 -16.11 5.31 -2.43
CA PHE A 71 -15.51 4.23 -3.21
C PHE A 71 -16.40 3.52 -4.25
N LYS A 72 -17.71 3.63 -4.13
CA LYS A 72 -18.62 2.90 -5.01
C LYS A 72 -18.75 3.59 -6.37
N PRO A 73 -18.46 2.87 -7.47
CA PRO A 73 -18.69 3.44 -8.81
C PRO A 73 -20.14 3.88 -8.94
N ALA A 74 -20.39 4.93 -9.71
CA ALA A 74 -21.75 5.40 -9.94
C ALA A 74 -22.67 4.30 -10.49
N ASP A 75 -22.14 3.46 -11.36
CA ASP A 75 -22.95 2.42 -12.00
C ASP A 75 -23.07 1.14 -11.17
N ASP A 77 -24.81 -0.83 -7.99
CA ASP A 77 -25.90 -0.87 -7.03
C ASP A 77 -25.37 -0.86 -5.60
N LEU A 78 -26.08 -0.16 -4.70
CA LEU A 78 -25.63 0.03 -3.31
C LEU A 78 -25.60 -1.27 -2.50
N GLU A 79 -26.58 -2.13 -2.73
CA GLU A 79 -26.65 -3.40 -2.04
C GLU A 79 -25.54 -4.33 -2.53
N PHE A 80 -25.26 -4.29 -3.83
CA PHE A 80 -24.14 -5.05 -4.39
C PHE A 80 -22.83 -4.59 -3.75
N TYR A 81 -22.68 -3.28 -3.55
CA TYR A 81 -21.47 -2.71 -2.96
C TYR A 81 -21.29 -3.15 -1.52
N ASN A 82 -22.39 -3.13 -0.77
CA ASN A 82 -22.36 -3.56 0.63
CA ASN A 82 -22.40 -3.59 0.62
C ASN A 82 -21.83 -4.98 0.76
N LYS A 83 -22.27 -5.87 -0.12
CA LYS A 83 -21.84 -7.26 -0.08
C LYS A 83 -20.47 -7.48 -0.68
N PHE A 84 -20.15 -6.74 -1.73
CA PHE A 84 -18.96 -7.11 -2.50
C PHE A 84 -17.88 -6.03 -2.65
N ASN A 85 -17.90 -4.99 -1.81
CA ASN A 85 -16.92 -3.90 -1.95
C ASN A 85 -15.47 -4.37 -1.91
N HIS A 86 -15.18 -5.39 -1.10
CA HIS A 86 -13.82 -5.92 -0.97
C HIS A 86 -13.31 -6.64 -2.23
N LEU A 87 -14.23 -7.09 -3.09
CA LEU A 87 -13.81 -7.77 -4.33
C LEU A 87 -13.46 -6.74 -5.40
N HIS A 88 -14.12 -5.57 -5.34
CA HIS A 88 -14.10 -4.65 -6.47
C HIS A 88 -13.30 -3.38 -6.26
N GLU A 89 -13.31 -2.87 -5.03
CA GLU A 89 -12.67 -1.58 -4.77
C GLU A 89 -11.47 -1.77 -3.84
N LYS A 90 -10.33 -2.11 -4.44
CA LYS A 90 -9.13 -2.39 -3.69
C LYS A 90 -8.60 -1.07 -3.16
N ILE A 91 -8.15 -1.05 -1.92
CA ILE A 91 -7.54 0.15 -1.36
C ILE A 91 -6.12 -0.07 -0.88
N LEU A 92 -5.22 0.83 -1.26
CA LEU A 92 -3.88 0.90 -0.68
C LEU A 92 -3.80 2.16 0.18
N LEU A 93 -3.64 1.97 1.48
CA LEU A 93 -3.47 3.09 2.42
C LEU A 93 -1.96 3.43 2.54
N VAL A 94 -1.64 4.70 2.38
CA VAL A 94 -0.26 5.18 2.58
C VAL A 94 -0.28 5.95 3.88
N THR A 95 0.37 5.43 4.92
CA THR A 95 0.24 5.96 6.27
C THR A 95 1.59 6.37 6.86
N PRO A 96 1.61 7.39 7.72
CA PRO A 96 2.91 7.77 8.30
C PRO A 96 3.35 6.88 9.45
N GLY A 97 2.46 6.02 9.95
CA GLY A 97 2.75 5.25 11.16
C GLY A 97 3.74 4.13 10.92
N ASP A 98 4.60 3.85 11.90
CA ASP A 98 5.49 2.68 11.82
C ASP A 98 4.66 1.41 12.07
N LEU A 99 4.83 0.41 11.20
CA LEU A 99 3.96 -0.77 11.21
C LEU A 99 4.69 -2.01 11.67
N TYR A 100 3.97 -2.85 12.42
CA TYR A 100 4.43 -4.21 12.66
C TYR A 100 3.31 -5.25 12.42
N GLU A 101 3.68 -6.53 12.37
CA GLU A 101 2.70 -7.60 12.51
C GLU A 101 3.26 -8.60 13.52
N PRO A 102 2.38 -9.42 14.12
CA PRO A 102 2.82 -10.26 15.23
C PRO A 102 4.18 -10.97 15.00
N LEU A 103 4.41 -11.50 13.81
CA LEU A 103 5.64 -12.26 13.55
C LEU A 103 6.88 -11.44 13.20
N ALA A 104 6.73 -10.11 13.17
CA ALA A 104 7.78 -9.25 12.63
C ALA A 104 8.10 -8.03 13.50
N ASP A 105 9.37 -7.65 13.53
CA ASP A 105 9.83 -6.44 14.24
C ASP A 105 9.18 -5.19 13.62
N PHE A 106 9.03 -5.22 12.30
CA PHE A 106 8.38 -4.15 11.57
C PHE A 106 8.05 -4.65 10.17
N VAL A 107 7.22 -3.93 9.44
CA VAL A 107 7.03 -4.16 8.02
C VAL A 107 6.99 -2.82 7.31
N PHE A 108 7.41 -2.78 6.04
CA PHE A 108 7.19 -1.60 5.20
C PHE A 108 5.73 -1.55 4.75
N GLY A 109 5.07 -2.70 4.73
CA GLY A 109 3.68 -2.75 4.29
C GLY A 109 3.07 -4.11 4.54
N LEU A 110 1.78 -4.27 4.22
CA LEU A 110 1.10 -5.53 4.47
C LEU A 110 -0.18 -5.55 3.64
N ALA A 111 -0.66 -6.75 3.31
CA ALA A 111 -1.87 -6.87 2.51
C ALA A 111 -2.81 -7.86 3.15
N TYR A 112 -4.12 -7.65 2.98
CA TYR A 112 -5.14 -8.58 3.44
C TYR A 112 -5.96 -8.96 2.21
N PRO A 113 -5.46 -9.93 1.44
CA PRO A 113 -6.01 -10.23 0.11
C PRO A 113 -7.50 -10.51 0.17
N LYS A 114 -7.94 -11.20 1.21
CA LYS A 114 -9.34 -11.59 1.30
C LYS A 114 -10.28 -10.37 1.35
N LEU A 115 -9.83 -9.28 1.99
CA LEU A 115 -10.66 -8.07 2.06
C LEU A 115 -10.24 -6.95 1.09
N GLY A 116 -9.36 -7.25 0.14
CA GLY A 116 -8.96 -6.26 -0.83
C GLY A 116 -8.47 -4.96 -0.20
N VAL A 117 -7.72 -5.04 0.90
CA VAL A 117 -7.10 -3.85 1.48
C VAL A 117 -5.62 -4.08 1.73
N ALA A 118 -4.82 -3.05 1.53
CA ALA A 118 -3.37 -3.14 1.74
C ALA A 118 -2.87 -1.83 2.34
N ILE A 119 -1.65 -1.84 2.83
CA ILE A 119 -1.08 -0.66 3.48
C ILE A 119 0.41 -0.57 3.22
N VAL A 120 0.91 0.66 3.05
CA VAL A 120 2.35 0.89 3.03
C VAL A 120 2.69 2.07 3.94
N SER A 121 3.81 1.98 4.64
CA SER A 121 4.23 3.06 5.52
C SER A 121 5.55 3.64 5.05
N PRO A 122 5.57 4.92 4.71
CA PRO A 122 6.85 5.52 4.32
C PRO A 122 7.77 5.78 5.51
N HIS A 123 7.36 5.41 6.73
CA HIS A 123 8.16 5.76 7.91
C HIS A 123 9.60 5.29 7.82
N ARG A 124 9.81 4.07 7.32
CA ARG A 124 11.17 3.56 7.13
C ARG A 124 11.67 3.61 5.69
N LEU A 125 10.87 4.22 4.82
CA LEU A 125 11.25 4.41 3.42
C LEU A 125 11.90 5.77 3.20
N GLN A 126 11.49 6.74 4.00
CA GLN A 126 12.06 8.08 3.96
C GLN A 126 13.54 8.09 4.32
N ASN A 127 14.34 8.79 3.53
CA ASN A 127 15.75 9.03 3.88
C ASN A 127 15.91 9.51 5.34
N GLU A 128 15.03 10.41 5.77
CA GLU A 128 15.15 11.01 7.09
C GLU A 128 15.19 10.00 8.24
N PHE A 129 14.51 8.87 8.09
CA PHE A 129 14.52 7.87 9.16
C PHE A 129 15.97 7.48 9.47
N TYR A 130 16.83 7.57 8.46
CA TYR A 130 18.23 7.16 8.60
C TYR A 130 19.16 8.36 8.87
N GLY A 131 18.56 9.50 9.19
CA GLY A 131 19.29 10.71 9.44
C GLY A 131 19.85 11.34 8.16
N LYS A 132 19.32 10.95 7.00
CA LYS A 132 19.75 11.51 5.73
C LYS A 132 18.79 12.58 5.22
N TYR A 133 19.31 13.52 4.43
CA TYR A 133 18.51 14.61 3.89
C TYR A 133 17.39 14.07 3.01
N ALA A 134 16.25 14.77 3.01
CA ALA A 134 15.13 14.42 2.16
C ALA A 134 15.55 14.12 0.70
N ASP A 135 14.81 13.21 0.05
CA ASP A 135 15.03 12.89 -1.35
C ASP A 135 13.67 12.41 -1.84
N ASP A 136 12.93 13.34 -2.43
CA ASP A 136 11.57 13.05 -2.88
C ASP A 136 11.52 11.94 -3.93
N SER A 137 12.44 11.96 -4.89
CA SER A 137 12.44 10.92 -5.92
C SER A 137 12.70 9.53 -5.33
N ALA A 138 13.64 9.42 -4.40
CA ALA A 138 13.87 8.14 -3.74
C ALA A 138 12.61 7.68 -3.02
N LEU A 139 11.93 8.59 -2.34
CA LEU A 139 10.77 8.19 -1.55
C LEU A 139 9.62 7.72 -2.46
N ILE A 140 9.41 8.42 -3.58
CA ILE A 140 8.43 7.99 -4.59
C ILE A 140 8.80 6.60 -5.12
N ASP A 141 10.07 6.41 -5.48
CA ASP A 141 10.53 5.10 -5.95
C ASP A 141 10.13 4.02 -4.97
N ARG A 142 10.43 4.24 -3.70
CA ARG A 142 10.22 3.21 -2.69
C ARG A 142 8.75 2.91 -2.44
N ILE A 143 7.94 3.96 -2.30
CA ILE A 143 6.49 3.76 -2.09
C ILE A 143 5.82 3.06 -3.26
N VAL A 144 6.25 3.39 -4.48
CA VAL A 144 5.68 2.76 -5.66
C VAL A 144 5.98 1.28 -5.66
N LYS A 145 7.24 0.95 -5.38
CA LYS A 145 7.71 -0.42 -5.43
C LYS A 145 7.06 -1.30 -4.36
N GLU A 146 6.91 -0.77 -3.15
CA GLU A 146 6.35 -1.55 -2.05
C GLU A 146 4.82 -1.49 -2.12
N GLY A 147 4.30 -0.39 -2.63
CA GLY A 147 2.87 -0.27 -2.88
C GLY A 147 2.38 -1.21 -3.98
N ALA A 148 3.11 -1.32 -5.09
CA ALA A 148 2.71 -2.23 -6.16
C ALA A 148 2.84 -3.68 -5.68
N HIS A 149 3.79 -3.92 -4.80
CA HIS A 149 3.99 -5.24 -4.19
C HIS A 149 2.74 -5.66 -3.40
N GLU A 150 2.35 -4.84 -2.43
CA GLU A 150 1.16 -5.09 -1.62
C GLU A 150 -0.08 -5.25 -2.48
N ILE A 151 -0.25 -4.39 -3.48
CA ILE A 151 -1.41 -4.45 -4.37
C ILE A 151 -1.40 -5.71 -5.24
N GLY A 152 -0.21 -6.17 -5.60
CA GLY A 152 -0.09 -7.42 -6.32
C GLY A 152 -0.69 -8.55 -5.50
N HIS A 153 -0.36 -8.61 -4.21
CA HIS A 153 -0.98 -9.58 -3.29
C HIS A 153 -2.51 -9.55 -3.34
N LEU A 154 -3.09 -8.36 -3.39
CA LEU A 154 -4.54 -8.24 -3.46
C LEU A 154 -5.09 -8.95 -4.71
N PHE A 155 -4.25 -9.14 -5.72
CA PHE A 155 -4.68 -9.82 -6.93
C PHE A 155 -4.27 -11.29 -6.97
N GLY A 156 -3.75 -11.80 -5.86
CA GLY A 156 -3.44 -13.21 -5.73
C GLY A 156 -1.99 -13.61 -5.92
N LEU A 157 -1.12 -12.67 -6.28
CA LEU A 157 0.28 -13.01 -6.45
C LEU A 157 0.97 -13.23 -5.11
N GLY A 158 1.87 -14.22 -5.06
CA GLY A 158 2.67 -14.44 -3.87
C GLY A 158 4.03 -13.81 -4.03
N HIS A 159 4.97 -14.14 -3.16
CA HIS A 159 6.32 -13.60 -3.28
C HIS A 159 7.12 -14.24 -4.40
N CYS A 160 7.86 -13.41 -5.11
CA CYS A 160 8.62 -13.85 -6.25
C CYS A 160 10.09 -13.99 -5.88
N ASP A 161 10.77 -14.92 -6.55
CA ASP A 161 12.19 -15.20 -6.30
C ASP A 161 13.16 -14.23 -6.97
N ASN A 162 12.68 -13.58 -8.03
CA ASN A 162 13.48 -12.61 -8.79
C ASN A 162 13.58 -11.28 -8.03
N PRO A 163 14.79 -10.97 -7.54
CA PRO A 163 15.09 -9.81 -6.65
C PRO A 163 14.88 -8.45 -7.33
N GLY A 164 14.80 -8.44 -8.66
CA GLY A 164 14.44 -7.25 -9.40
C GLY A 164 12.95 -7.10 -9.62
N CYS A 165 12.17 -8.13 -9.29
CA CYS A 165 10.72 -8.06 -9.51
C CYS A 165 9.99 -7.40 -8.35
N ILE A 166 8.90 -6.70 -8.65
CA ILE A 166 8.12 -5.98 -7.66
C ILE A 166 7.63 -6.91 -6.54
N TYR A 168 9.14 -9.47 -5.19
CA TYR A 168 10.17 -9.96 -4.30
C TYR A 168 9.95 -9.34 -2.92
N CYS A 169 10.20 -10.11 -1.86
CA CYS A 169 10.02 -9.59 -0.51
C CYS A 169 11.36 -9.12 0.04
N PRO A 170 11.50 -7.78 0.24
CA PRO A 170 12.74 -7.15 0.69
C PRO A 170 13.00 -7.38 2.17
N ARG A 171 14.19 -7.84 2.53
CA ARG A 171 14.55 -8.00 3.95
C ARG A 171 14.85 -6.65 4.59
N ASN A 172 15.34 -5.71 3.78
CA ASN A 172 15.73 -4.40 4.26
C ASN A 172 15.67 -3.36 3.16
N LEU A 173 16.04 -2.12 3.48
CA LEU A 173 15.91 -1.02 2.53
C LEU A 173 16.82 -1.12 1.30
N ASP A 174 18.01 -1.67 1.48
CA ASP A 174 18.94 -1.87 0.37
C ASP A 174 18.36 -2.83 -0.67
N GLU A 175 17.82 -3.95 -0.21
CA GLU A 175 17.12 -4.89 -1.08
C GLU A 175 15.92 -4.26 -1.78
N LEU A 176 15.18 -3.41 -1.07
CA LEU A 176 14.01 -2.75 -1.66
C LEU A 176 14.47 -1.82 -2.80
N ASP A 177 15.56 -1.11 -2.58
CA ASP A 177 16.06 -0.18 -3.59
C ASP A 177 16.57 -0.93 -4.82
N ARG A 178 17.00 -2.17 -4.65
CA ARG A 178 17.48 -2.98 -5.76
C ARG A 178 16.31 -3.49 -6.62
N LYS A 179 15.12 -3.57 -6.05
CA LYS A 179 13.96 -3.96 -6.84
C LYS A 179 13.78 -2.93 -7.95
N ARG A 180 13.25 -3.35 -9.08
CA ARG A 180 12.99 -2.44 -10.20
C ARG A 180 11.49 -2.21 -10.33
N LYS A 181 11.11 -1.17 -11.06
CA LYS A 181 9.70 -0.92 -11.31
C LYS A 181 9.29 -1.86 -12.43
N TYR A 182 8.98 -3.09 -12.05
CA TYR A 182 9.06 -4.23 -12.97
C TYR A 182 8.33 -5.43 -12.39
N PHE A 183 7.37 -5.97 -13.14
CA PHE A 183 6.85 -7.30 -12.84
C PHE A 183 7.48 -8.26 -13.83
N CYS A 184 8.16 -9.29 -13.32
CA CYS A 184 8.79 -10.27 -14.20
C CYS A 184 7.74 -11.01 -15.04
N GLY A 185 8.21 -11.89 -15.92
CA GLY A 185 7.32 -12.58 -16.85
C GLY A 185 6.29 -13.43 -16.14
N LYS A 186 6.78 -14.25 -15.21
CA LYS A 186 5.91 -15.10 -14.41
C LYS A 186 4.81 -14.26 -13.73
N CYS A 187 5.20 -13.14 -13.13
CA CYS A 187 4.23 -12.34 -12.38
C CYS A 187 3.24 -11.62 -13.28
N ARG A 188 3.69 -11.05 -14.41
CA ARG A 188 2.74 -10.38 -15.31
C ARG A 188 1.61 -11.32 -15.82
N VAL A 189 1.95 -12.55 -16.17
CA VAL A 189 0.95 -13.53 -16.61
C VAL A 189 -0.12 -13.76 -15.52
N GLN A 190 0.32 -13.99 -14.29
CA GLN A 190 -0.61 -14.19 -13.18
C GLN A 190 -1.47 -12.97 -12.94
N LEU A 191 -0.86 -11.79 -12.99
CA LEU A 191 -1.57 -10.54 -12.75
C LEU A 191 -2.61 -10.27 -13.85
N ASN A 192 -2.41 -10.87 -15.02
CA ASN A 192 -3.38 -10.73 -16.11
C ASN A 192 -4.46 -11.81 -16.11
#